data_1NLT
#
_entry.id   1NLT
#
_cell.length_a   55.025
_cell.length_b   55.025
_cell.length_c   161.870
_cell.angle_alpha   90
_cell.angle_beta   90
_cell.angle_gamma   120
#
_symmetry.space_group_name_H-M   'P 32 2 1'
#
loop_
_entity.id
_entity.type
_entity.pdbx_description
1 polymer 'Mitochondrial protein import protein MAS5'
2 polymer 'Seven residue peptide'
3 non-polymer 'ZINC ION'
4 water water
#
loop_
_entity_poly.entity_id
_entity_poly.type
_entity_poly.pdbx_seq_one_letter_code
_entity_poly.pdbx_strand_id
1 'polypeptide(L)'
;GAQRPRGPQRGKDIKHEISASLEELYKGRTAKLALNKQILCKECEGRGGKKGAVKKCTSCNGQGIKFVTRQMGPMIQRFQ
TECDVCHGTGDIIDPKDRCKSCNGKKVENERKILEVHVEPGMKDGQRIVFKGEADQAPDVIPGDVVFIVSERPHKSFKRD
GDDLVYEAEIDLLTAIAGGEFALEHVSGDWLKVGIVPGEVIAPGMRKVIEGKGMPIPKYGGYGNLIIKFTIKDPENHFTS
EENLKKLE
;
A
2 'polypeptide(L)' GWLYEIS B
#
loop_
_chem_comp.id
_chem_comp.type
_chem_comp.name
_chem_comp.formula
ZN non-polymer 'ZINC ION' 'Zn 2'
#
# COMPACT_ATOMS: atom_id res chain seq x y z
N PRO A 8 -18.55 -6.34 15.11
CA PRO A 8 -18.80 -5.45 16.24
C PRO A 8 -17.63 -4.50 16.45
N GLN A 9 -17.44 -3.59 15.50
CA GLN A 9 -16.37 -2.61 15.48
C GLN A 9 -15.16 -3.13 14.71
N ARG A 10 -15.10 -2.82 13.43
CA ARG A 10 -14.00 -3.25 12.60
C ARG A 10 -12.88 -2.23 12.74
N GLY A 11 -11.64 -2.71 12.78
CA GLY A 11 -10.52 -1.80 12.90
C GLY A 11 -10.15 -1.21 11.56
N LYS A 12 -9.72 0.05 11.58
CA LYS A 12 -9.32 0.77 10.37
C LYS A 12 -8.15 0.09 9.65
N ASP A 13 -8.18 0.10 8.31
CA ASP A 13 -7.09 -0.49 7.53
C ASP A 13 -5.87 0.42 7.51
N ILE A 14 -4.71 -0.15 7.21
CA ILE A 14 -3.47 0.58 7.07
C ILE A 14 -3.15 0.47 5.57
N LYS A 15 -3.21 1.59 4.84
CA LYS A 15 -2.93 1.58 3.41
C LYS A 15 -1.52 2.06 3.15
N HIS A 16 -0.73 1.23 2.47
CA HIS A 16 0.66 1.55 2.19
C HIS A 16 0.99 1.28 0.72
N GLU A 17 1.30 2.32 -0.04
CA GLU A 17 1.63 2.05 -1.43
C GLU A 17 3.10 1.75 -1.57
N ILE A 18 3.42 0.91 -2.54
CA ILE A 18 4.79 0.49 -2.82
C ILE A 18 5.15 0.96 -4.22
N SER A 19 6.22 1.74 -4.32
CA SER A 19 6.65 2.23 -5.63
C SER A 19 7.43 1.12 -6.32
N ALA A 20 7.64 1.29 -7.62
CA ALA A 20 8.36 0.31 -8.39
C ALA A 20 8.64 0.92 -9.73
N SER A 21 9.84 0.73 -10.24
CA SER A 21 10.17 1.27 -11.54
C SER A 21 9.49 0.37 -12.56
N LEU A 22 9.31 0.87 -13.79
CA LEU A 22 8.71 0.06 -14.83
C LEU A 22 9.57 -1.20 -14.97
N GLU A 23 10.89 -1.05 -14.89
CA GLU A 23 11.73 -2.24 -15.02
C GLU A 23 11.57 -3.21 -13.85
N GLU A 24 11.10 -2.71 -12.71
CA GLU A 24 10.88 -3.57 -11.56
C GLU A 24 9.60 -4.40 -11.73
N LEU A 25 8.56 -3.71 -12.19
CA LEU A 25 7.30 -4.39 -12.47
C LEU A 25 7.39 -5.26 -13.73
N TYR A 26 8.63 -5.23 -14.28
CA TYR A 26 8.90 -6.00 -15.48
C TYR A 26 9.32 -7.44 -15.14
N LYS A 27 10.29 -7.55 -14.23
CA LYS A 27 10.78 -8.85 -13.80
C LYS A 27 10.15 -9.30 -12.49
N GLY A 28 9.39 -8.40 -11.87
CA GLY A 28 8.72 -8.70 -10.62
C GLY A 28 9.68 -8.40 -9.49
N ARG A 29 9.15 -8.14 -8.30
CA ARG A 29 10.03 -7.85 -7.19
C ARG A 29 9.42 -8.31 -5.88
N THR A 30 10.30 -8.52 -4.90
CA THR A 30 9.92 -8.94 -3.57
C THR A 30 10.52 -7.97 -2.56
N ALA A 31 9.68 -7.46 -1.66
CA ALA A 31 10.16 -6.51 -0.67
C ALA A 31 9.82 -6.87 0.77
N LYS A 32 10.85 -6.90 1.60
CA LYS A 32 10.70 -7.21 3.02
C LYS A 32 10.32 -5.90 3.70
N LEU A 33 9.09 -5.87 4.21
CA LEU A 33 8.56 -4.67 4.86
C LEU A 33 8.42 -4.82 6.37
N ALA A 34 8.82 -3.78 7.08
CA ALA A 34 8.75 -3.74 8.54
C ALA A 34 7.43 -3.08 8.98
N LEU A 35 6.56 -3.85 9.62
CA LEU A 35 5.29 -3.34 10.11
C LEU A 35 5.34 -3.03 11.61
N ASN A 36 5.08 -1.77 11.95
CA ASN A 36 5.06 -1.35 13.34
C ASN A 36 3.59 -1.08 13.72
N LYS A 37 3.05 -1.88 14.62
CA LYS A 37 1.66 -1.70 15.00
C LYS A 37 1.35 -2.00 16.46
N GLN A 38 0.17 -1.55 16.86
CA GLN A 38 -0.32 -1.77 18.21
C GLN A 38 -0.90 -3.18 18.23
N ILE A 39 -0.42 -3.99 19.18
CA ILE A 39 -0.89 -5.37 19.29
C ILE A 39 -1.39 -5.59 20.71
N LEU A 40 -2.11 -6.69 20.92
CA LEU A 40 -2.63 -6.98 22.24
C LEU A 40 -1.49 -7.39 23.17
N CYS A 41 -1.61 -7.01 24.43
CA CYS A 41 -0.64 -7.35 25.48
C CYS A 41 -0.44 -8.86 25.47
N LYS A 42 0.79 -9.31 25.22
CA LYS A 42 1.09 -10.74 25.18
C LYS A 42 0.92 -11.42 26.54
N GLU A 43 1.46 -10.81 27.59
CA GLU A 43 1.33 -11.33 28.95
C GLU A 43 0.05 -10.72 29.48
N CYS A 44 -1.02 -10.97 28.75
CA CYS A 44 -2.32 -10.44 29.04
C CYS A 44 -3.32 -11.19 28.22
N GLU A 45 -2.97 -11.31 26.94
CA GLU A 45 -3.81 -11.94 25.96
C GLU A 45 -4.97 -11.00 25.78
N GLY A 46 -4.68 -9.73 26.06
CA GLY A 46 -5.69 -8.71 25.95
C GLY A 46 -6.55 -8.50 27.17
N ARG A 47 -6.43 -9.40 28.14
CA ARG A 47 -7.21 -9.33 29.38
C ARG A 47 -7.07 -8.07 30.23
N GLY A 48 -5.86 -7.62 30.44
CA GLY A 48 -5.61 -6.45 31.24
C GLY A 48 -5.08 -6.87 32.59
N GLY A 49 -5.48 -8.08 32.99
CA GLY A 49 -5.04 -8.63 34.26
C GLY A 49 -4.88 -10.13 34.25
N LYS A 50 -4.77 -10.73 35.43
CA LYS A 50 -4.62 -12.18 35.59
C LYS A 50 -5.91 -12.88 35.14
N LYS A 51 -5.76 -14.07 34.58
CA LYS A 51 -6.88 -14.85 34.11
C LYS A 51 -8.02 -14.87 35.12
N GLY A 52 -9.13 -14.24 34.78
CA GLY A 52 -10.27 -14.21 35.68
C GLY A 52 -10.07 -13.31 36.90
N ALA A 53 -9.40 -12.19 36.70
CA ALA A 53 -9.16 -11.26 37.78
C ALA A 53 -9.98 -9.99 37.58
N VAL A 54 -9.69 -9.26 36.51
CA VAL A 54 -10.40 -8.02 36.19
C VAL A 54 -11.90 -8.06 36.46
N LYS A 55 -12.42 -6.98 37.04
CA LYS A 55 -13.84 -6.93 37.37
C LYS A 55 -14.56 -5.74 36.76
N LYS A 56 -15.71 -6.03 36.18
CA LYS A 56 -16.56 -5.04 35.53
C LYS A 56 -16.86 -3.87 36.47
N CYS A 57 -16.92 -2.66 35.92
CA CYS A 57 -17.19 -1.46 36.70
C CYS A 57 -18.67 -1.39 37.05
N THR A 58 -18.97 -1.50 38.33
CA THR A 58 -20.34 -1.44 38.82
C THR A 58 -20.97 -0.07 38.62
N SER A 59 -20.18 0.97 38.89
CA SER A 59 -20.63 2.34 38.76
C SER A 59 -20.74 2.76 37.30
N CYS A 60 -20.29 1.90 36.40
CA CYS A 60 -20.33 2.16 34.97
C CYS A 60 -20.37 0.83 34.21
N ASN A 61 -21.58 0.33 33.98
CA ASN A 61 -21.80 -0.95 33.31
C ASN A 61 -21.11 -1.18 31.97
N GLY A 62 -20.05 -0.43 31.69
CA GLY A 62 -19.36 -0.61 30.43
C GLY A 62 -18.06 0.16 30.38
N GLN A 63 -18.15 1.42 29.97
CA GLN A 63 -16.98 2.27 29.87
C GLN A 63 -16.94 3.19 31.08
N GLY A 64 -15.82 3.88 31.27
CA GLY A 64 -15.71 4.79 32.39
C GLY A 64 -16.56 6.00 32.07
N ILE A 65 -17.86 5.78 31.91
CA ILE A 65 -18.76 6.86 31.57
C ILE A 65 -20.02 6.89 32.43
N LYS A 66 -20.39 8.10 32.85
CA LYS A 66 -21.57 8.34 33.66
C LYS A 66 -22.20 9.62 33.12
N PHE A 67 -23.52 9.76 33.25
CA PHE A 67 -24.18 10.96 32.77
C PHE A 67 -24.87 11.75 33.87
N VAL A 68 -24.44 13.00 34.04
CA VAL A 68 -25.00 13.88 35.05
C VAL A 68 -25.87 14.92 34.35
N THR A 69 -26.99 15.26 34.95
CA THR A 69 -27.90 16.24 34.37
C THR A 69 -28.09 17.48 35.23
N ARG A 70 -27.27 18.51 34.99
CA ARG A 70 -27.35 19.75 35.74
C ARG A 70 -28.29 20.73 35.06
N GLN A 71 -28.76 21.73 35.81
CA GLN A 71 -29.65 22.74 35.25
C GLN A 71 -28.96 24.09 35.33
N MET A 72 -29.50 25.05 34.60
CA MET A 72 -29.01 26.42 34.53
C MET A 72 -30.22 27.11 33.93
N GLY A 73 -30.09 27.54 32.68
CA GLY A 73 -31.24 28.11 32.02
C GLY A 73 -32.00 26.81 31.75
N PRO A 74 -31.61 26.06 30.71
CA PRO A 74 -32.20 24.78 30.32
C PRO A 74 -31.49 23.65 31.07
N MET A 75 -31.95 22.40 30.90
CA MET A 75 -31.27 21.28 31.55
C MET A 75 -30.31 20.68 30.53
N ILE A 76 -29.11 20.36 31.00
CA ILE A 76 -28.06 19.80 30.15
C ILE A 76 -27.58 18.44 30.68
N GLN A 77 -27.23 17.56 29.76
CA GLN A 77 -26.73 16.24 30.08
C GLN A 77 -25.22 16.30 29.91
N ARG A 78 -24.52 16.59 31.00
CA ARG A 78 -23.05 16.68 30.99
C ARG A 78 -22.37 15.33 31.23
N PHE A 79 -21.88 14.73 30.15
CA PHE A 79 -21.19 13.45 30.21
C PHE A 79 -20.05 13.57 31.23
N GLN A 80 -20.09 12.69 32.24
CA GLN A 80 -19.09 12.64 33.31
C GLN A 80 -18.19 11.41 33.11
N THR A 81 -16.87 11.63 33.10
CA THR A 81 -15.90 10.56 32.86
C THR A 81 -15.61 9.61 34.01
N GLU A 82 -14.39 9.66 34.55
CA GLU A 82 -13.97 8.78 35.64
C GLU A 82 -15.09 8.17 36.43
N CYS A 83 -15.47 6.96 36.07
CA CYS A 83 -16.53 6.26 36.77
C CYS A 83 -15.91 5.68 38.04
N ASP A 84 -16.29 6.24 39.19
CA ASP A 84 -15.77 5.79 40.49
C ASP A 84 -14.39 5.15 40.43
N VAL A 85 -14.36 3.83 40.31
CA VAL A 85 -13.12 3.06 40.25
C VAL A 85 -12.75 2.68 38.82
N CYS A 86 -13.04 3.55 37.86
CA CYS A 86 -12.73 3.26 36.48
C CYS A 86 -12.51 4.55 35.67
N HIS A 87 -12.52 4.43 34.35
CA HIS A 87 -12.31 5.53 33.38
C HIS A 87 -11.27 5.07 32.38
N GLY A 88 -11.60 5.10 31.09
CA GLY A 88 -10.68 4.64 30.07
C GLY A 88 -10.59 3.12 30.15
N THR A 89 -11.02 2.59 31.28
CA THR A 89 -11.04 1.16 31.56
C THR A 89 -12.18 0.92 32.54
N GLY A 90 -13.40 0.84 32.04
CA GLY A 90 -14.53 0.61 32.93
C GLY A 90 -14.55 -0.78 33.50
N ASP A 91 -13.55 -1.12 34.32
CA ASP A 91 -13.48 -2.45 34.92
C ASP A 91 -12.22 -2.67 35.76
N ILE A 92 -11.53 -3.77 35.45
CA ILE A 92 -10.29 -4.20 36.11
C ILE A 92 -10.26 -4.14 37.63
N ILE A 93 -9.49 -3.22 38.20
CA ILE A 93 -9.36 -3.06 39.64
C ILE A 93 -8.34 -4.08 40.15
N ASP A 94 -8.26 -4.26 41.47
CA ASP A 94 -7.31 -5.18 42.09
C ASP A 94 -5.89 -4.75 41.80
N PRO A 95 -5.27 -4.05 42.76
CA PRO A 95 -3.90 -3.53 42.68
C PRO A 95 -2.93 -4.39 41.87
N LYS A 96 -2.69 -5.61 42.31
CA LYS A 96 -1.75 -6.45 41.60
C LYS A 96 -2.26 -7.78 41.05
N ASP A 97 -2.97 -7.64 39.94
CA ASP A 97 -3.53 -8.74 39.18
C ASP A 97 -3.38 -8.26 37.75
N ARG A 98 -2.79 -7.08 37.62
CA ARG A 98 -2.55 -6.42 36.35
C ARG A 98 -1.20 -6.80 35.75
N CYS A 99 -1.08 -6.69 34.43
CA CYS A 99 0.13 -7.02 33.66
C CYS A 99 1.45 -6.63 34.33
N LYS A 100 2.19 -5.79 33.62
CA LYS A 100 3.49 -5.26 34.01
C LYS A 100 4.10 -5.00 32.65
N SER A 101 3.70 -5.86 31.72
CA SER A 101 4.15 -5.78 30.35
C SER A 101 3.13 -4.95 29.58
N CYS A 102 2.07 -4.53 30.27
CA CYS A 102 1.05 -3.68 29.64
C CYS A 102 0.42 -2.73 30.65
N ASN A 103 0.86 -2.83 31.90
CA ASN A 103 0.40 -1.96 32.98
C ASN A 103 -1.11 -1.65 33.02
N GLY A 104 -1.91 -2.45 32.31
CA GLY A 104 -3.35 -2.23 32.31
C GLY A 104 -3.89 -1.57 31.06
N LYS A 105 -3.00 -1.23 30.14
CA LYS A 105 -3.42 -0.60 28.90
C LYS A 105 -3.78 -1.60 27.81
N LYS A 106 -3.67 -2.87 28.16
CA LYS A 106 -4.05 -3.99 27.29
C LYS A 106 -3.40 -4.12 25.92
N VAL A 107 -2.52 -3.20 25.55
CA VAL A 107 -1.90 -3.26 24.25
C VAL A 107 -0.41 -2.93 24.28
N GLU A 108 0.32 -3.38 23.27
CA GLU A 108 1.75 -3.12 23.19
C GLU A 108 2.20 -3.05 21.72
N ASN A 109 3.44 -2.58 21.51
CA ASN A 109 4.00 -2.41 20.18
C ASN A 109 4.59 -3.73 19.69
N GLU A 110 4.54 -3.94 18.36
CA GLU A 110 5.12 -5.13 17.75
C GLU A 110 5.72 -4.79 16.40
N ARG A 111 6.92 -5.29 16.15
CA ARG A 111 7.60 -5.07 14.88
C ARG A 111 7.77 -6.40 14.17
N LYS A 112 6.92 -6.68 13.18
CA LYS A 112 7.03 -7.92 12.44
C LYS A 112 7.38 -7.61 10.97
N ILE A 113 7.90 -8.61 10.27
CA ILE A 113 8.28 -8.42 8.88
C ILE A 113 7.37 -9.18 7.93
N LEU A 114 6.93 -8.49 6.88
CA LEU A 114 6.07 -9.09 5.89
C LEU A 114 6.82 -9.04 4.57
N GLU A 115 6.67 -10.08 3.75
CA GLU A 115 7.34 -10.08 2.46
C GLU A 115 6.27 -9.98 1.39
N VAL A 116 6.16 -8.80 0.79
CA VAL A 116 5.16 -8.57 -0.24
C VAL A 116 5.71 -8.84 -1.65
N HIS A 117 5.11 -9.77 -2.36
CA HIS A 117 5.59 -10.12 -3.70
C HIS A 117 4.89 -9.37 -4.83
N VAL A 118 5.58 -8.40 -5.43
CA VAL A 118 5.05 -7.62 -6.54
C VAL A 118 5.27 -8.46 -7.77
N GLU A 119 4.22 -9.12 -8.23
CA GLU A 119 4.32 -9.99 -9.39
C GLU A 119 4.50 -9.25 -10.70
N PRO A 120 5.26 -9.84 -11.62
CA PRO A 120 5.45 -9.17 -12.90
C PRO A 120 4.12 -8.75 -13.54
N GLY A 121 4.13 -7.62 -14.22
CA GLY A 121 2.93 -7.12 -14.88
C GLY A 121 1.89 -6.47 -14.00
N MET A 122 2.20 -6.26 -12.73
CA MET A 122 1.23 -5.63 -11.86
C MET A 122 1.01 -4.16 -12.20
N LYS A 123 -0.26 -3.82 -12.44
CA LYS A 123 -0.64 -2.47 -12.79
C LYS A 123 -0.49 -1.53 -11.60
N ASP A 124 -0.45 -0.23 -11.91
CA ASP A 124 -0.37 0.80 -10.88
C ASP A 124 -1.71 0.82 -10.17
N GLY A 125 -1.72 1.11 -8.88
CA GLY A 125 -2.98 1.14 -8.16
C GLY A 125 -3.49 -0.22 -7.73
N GLN A 126 -2.76 -1.25 -8.12
CA GLN A 126 -3.06 -2.64 -7.79
C GLN A 126 -2.99 -2.84 -6.28
N ARG A 127 -3.89 -3.66 -5.75
CA ARG A 127 -3.90 -3.92 -4.32
C ARG A 127 -3.46 -5.32 -3.93
N ILE A 128 -2.75 -5.42 -2.81
CA ILE A 128 -2.31 -6.71 -2.32
C ILE A 128 -2.73 -6.64 -0.86
N VAL A 129 -3.78 -7.39 -0.52
CA VAL A 129 -4.33 -7.39 0.82
C VAL A 129 -3.82 -8.40 1.81
N PHE A 130 -3.42 -7.91 2.98
CA PHE A 130 -2.93 -8.75 4.08
C PHE A 130 -4.01 -8.71 5.15
N LYS A 131 -4.82 -9.77 5.15
CA LYS A 131 -5.95 -9.92 6.05
C LYS A 131 -5.60 -9.90 7.53
N GLY A 132 -6.31 -9.07 8.29
CA GLY A 132 -6.11 -8.97 9.73
C GLY A 132 -4.82 -8.44 10.32
N GLU A 133 -3.88 -8.03 9.49
CA GLU A 133 -2.60 -7.55 10.04
C GLU A 133 -2.60 -6.14 10.62
N ALA A 134 -3.71 -5.42 10.50
CA ALA A 134 -3.75 -4.04 11.01
C ALA A 134 -3.71 -3.94 12.54
N ASP A 135 -3.77 -2.72 13.06
CA ASP A 135 -3.73 -2.51 14.49
C ASP A 135 -4.88 -3.21 15.18
N GLN A 136 -4.69 -3.51 16.45
CA GLN A 136 -5.71 -4.17 17.22
C GLN A 136 -5.82 -3.54 18.60
N ALA A 137 -7.03 -3.60 19.14
CA ALA A 137 -7.32 -3.05 20.46
C ALA A 137 -8.38 -3.98 21.02
N PRO A 138 -8.40 -4.16 22.34
CA PRO A 138 -9.39 -5.03 22.98
C PRO A 138 -10.80 -4.63 22.60
N ASP A 139 -11.48 -5.49 21.84
CA ASP A 139 -12.86 -5.29 21.37
C ASP A 139 -12.98 -5.22 19.86
N VAL A 140 -11.96 -4.66 19.21
CA VAL A 140 -11.96 -4.47 17.77
C VAL A 140 -11.45 -5.64 16.95
N ILE A 141 -12.06 -5.82 15.79
CA ILE A 141 -11.65 -6.85 14.83
C ILE A 141 -10.59 -6.11 14.03
N PRO A 142 -9.31 -6.44 14.23
CA PRO A 142 -8.28 -5.73 13.48
C PRO A 142 -8.52 -5.66 11.96
N GLY A 143 -8.17 -4.53 11.36
CA GLY A 143 -8.35 -4.35 9.94
C GLY A 143 -7.23 -4.96 9.11
N ASP A 144 -7.16 -4.61 7.83
CA ASP A 144 -6.13 -5.14 6.94
C ASP A 144 -5.00 -4.18 6.63
N VAL A 145 -3.90 -4.75 6.16
CA VAL A 145 -2.75 -3.96 5.75
C VAL A 145 -2.85 -4.10 4.25
N VAL A 146 -3.15 -2.97 3.61
CA VAL A 146 -3.31 -2.92 2.17
C VAL A 146 -2.18 -2.20 1.47
N PHE A 147 -1.50 -2.92 0.59
CA PHE A 147 -0.42 -2.31 -0.15
C PHE A 147 -1.00 -1.96 -1.49
N ILE A 148 -0.59 -0.83 -2.04
CA ILE A 148 -1.07 -0.40 -3.35
C ILE A 148 0.14 -0.09 -4.19
N VAL A 149 0.33 -0.86 -5.26
CA VAL A 149 1.46 -0.67 -6.17
C VAL A 149 1.42 0.69 -6.87
N SER A 150 2.46 1.49 -6.66
CA SER A 150 2.53 2.79 -7.30
C SER A 150 3.63 2.73 -8.36
N GLU A 151 3.25 3.09 -9.58
CA GLU A 151 4.15 3.09 -10.71
C GLU A 151 5.01 4.35 -10.72
N ARG A 152 6.30 4.18 -10.44
CA ARG A 152 7.24 5.30 -10.41
C ARG A 152 7.37 5.90 -11.81
N PRO A 153 7.63 7.22 -11.91
CA PRO A 153 7.77 7.86 -13.23
C PRO A 153 8.94 7.25 -13.98
N HIS A 154 8.90 7.29 -15.30
CA HIS A 154 9.98 6.71 -16.07
C HIS A 154 10.59 7.72 -17.06
N LYS A 155 11.89 7.60 -17.28
CA LYS A 155 12.57 8.53 -18.15
C LYS A 155 12.54 8.15 -19.64
N SER A 156 11.80 7.11 -19.99
CA SER A 156 11.76 6.71 -21.40
C SER A 156 10.44 6.13 -21.86
N PHE A 157 9.68 5.54 -20.94
CA PHE A 157 8.43 4.94 -21.34
C PHE A 157 7.21 5.40 -20.58
N LYS A 158 6.06 5.24 -21.22
CA LYS A 158 4.79 5.59 -20.62
C LYS A 158 4.03 4.27 -20.75
N ARG A 159 3.31 3.89 -19.71
CA ARG A 159 2.59 2.65 -19.77
C ARG A 159 1.15 2.85 -20.15
N ASP A 160 0.63 1.94 -20.97
CA ASP A 160 -0.77 1.99 -21.39
C ASP A 160 -1.26 0.55 -21.34
N GLY A 161 -1.99 0.22 -20.27
CA GLY A 161 -2.48 -1.13 -20.12
C GLY A 161 -1.25 -2.01 -20.12
N ASP A 162 -1.22 -3.01 -21.01
CA ASP A 162 -0.07 -3.88 -21.07
C ASP A 162 0.93 -3.58 -22.16
N ASP A 163 0.95 -2.33 -22.62
CA ASP A 163 1.91 -1.98 -23.66
C ASP A 163 2.87 -0.94 -23.12
N LEU A 164 3.80 -0.52 -23.97
CA LEU A 164 4.78 0.49 -23.66
C LEU A 164 4.76 1.47 -24.82
N VAL A 165 4.68 2.76 -24.49
CA VAL A 165 4.66 3.82 -25.51
C VAL A 165 6.01 4.51 -25.45
N TYR A 166 6.66 4.60 -26.60
CA TYR A 166 7.97 5.20 -26.67
C TYR A 166 8.08 6.24 -27.78
N GLU A 167 8.46 7.45 -27.41
CA GLU A 167 8.61 8.55 -28.35
C GLU A 167 10.07 8.58 -28.78
N ALA A 168 10.32 8.26 -30.05
CA ALA A 168 11.67 8.24 -30.59
C ALA A 168 11.96 9.45 -31.48
N GLU A 169 13.13 10.04 -31.30
CA GLU A 169 13.54 11.21 -32.07
C GLU A 169 14.43 10.72 -33.18
N ILE A 170 13.95 10.89 -34.39
CA ILE A 170 14.66 10.45 -35.57
C ILE A 170 14.96 11.61 -36.50
N ASP A 171 16.02 11.47 -37.28
CA ASP A 171 16.43 12.47 -38.25
C ASP A 171 15.52 12.43 -39.45
N LEU A 172 15.36 13.57 -40.12
CA LEU A 172 14.52 13.63 -41.30
C LEU A 172 15.08 12.67 -42.31
N LEU A 173 16.40 12.57 -42.37
CA LEU A 173 17.06 11.68 -43.33
C LEU A 173 16.75 10.22 -43.09
N THR A 174 16.81 9.79 -41.83
CA THR A 174 16.53 8.40 -41.50
C THR A 174 15.11 8.07 -41.93
N ALA A 175 14.21 8.97 -41.58
CA ALA A 175 12.80 8.82 -41.88
C ALA A 175 12.50 8.76 -43.36
N ILE A 176 13.25 9.50 -44.16
CA ILE A 176 12.97 9.51 -45.58
C ILE A 176 13.72 8.44 -46.36
N ALA A 177 14.90 8.07 -45.87
CA ALA A 177 15.71 7.03 -46.52
C ALA A 177 15.60 5.69 -45.81
N GLY A 178 15.15 5.73 -44.57
CA GLY A 178 15.03 4.51 -43.77
C GLY A 178 16.35 4.18 -43.13
N GLY A 179 16.34 3.28 -42.15
CA GLY A 179 17.57 2.91 -41.48
C GLY A 179 17.35 2.35 -40.08
N GLU A 180 18.45 2.09 -39.36
CA GLU A 180 18.38 1.53 -38.01
C GLU A 180 17.81 2.53 -37.01
N PHE A 181 17.86 2.17 -35.74
CA PHE A 181 17.33 3.01 -34.67
C PHE A 181 17.27 2.12 -33.43
N ALA A 182 17.70 2.62 -32.27
CA ALA A 182 17.70 1.78 -31.07
C ALA A 182 17.24 2.41 -29.76
N LEU A 183 16.66 1.59 -28.89
CA LEU A 183 16.18 2.05 -27.61
C LEU A 183 16.47 1.02 -26.52
N GLU A 184 16.40 1.45 -25.27
CA GLU A 184 16.68 0.62 -24.08
C GLU A 184 15.41 0.15 -23.43
N HIS A 185 15.12 -1.13 -23.62
CA HIS A 185 13.91 -1.73 -23.07
C HIS A 185 13.97 -1.78 -21.54
N VAL A 186 12.80 -1.92 -20.90
CA VAL A 186 12.71 -1.96 -19.44
C VAL A 186 13.55 -3.11 -18.95
N SER A 187 13.81 -4.04 -19.84
CA SER A 187 14.65 -5.17 -19.53
C SER A 187 16.00 -4.76 -20.09
N GLY A 188 17.00 -4.66 -19.21
CA GLY A 188 18.35 -4.27 -19.64
C GLY A 188 18.74 -4.46 -21.09
N ASP A 189 18.05 -5.34 -21.82
CA ASP A 189 18.33 -5.58 -23.23
C ASP A 189 18.14 -4.34 -24.09
N TRP A 190 19.04 -4.14 -25.04
CA TRP A 190 18.92 -3.01 -25.97
C TRP A 190 18.16 -3.50 -27.20
N LEU A 191 17.38 -2.60 -27.80
CA LEU A 191 16.57 -3.01 -28.94
C LEU A 191 16.77 -2.13 -30.18
N LYS A 192 17.22 -2.76 -31.26
CA LYS A 192 17.44 -2.04 -32.51
C LYS A 192 16.17 -2.17 -33.35
N VAL A 193 15.70 -1.05 -33.89
CA VAL A 193 14.50 -1.07 -34.71
C VAL A 193 14.78 -0.54 -36.13
N GLY A 194 14.23 -1.25 -37.11
CA GLY A 194 14.41 -0.85 -38.49
C GLY A 194 13.15 -0.33 -39.11
N ILE A 195 13.27 0.74 -39.88
CA ILE A 195 12.11 1.32 -40.54
C ILE A 195 12.41 1.58 -42.01
N VAL A 196 11.45 1.31 -42.87
CA VAL A 196 11.64 1.52 -44.29
C VAL A 196 11.28 2.95 -44.68
N PRO A 197 11.79 3.41 -45.83
CA PRO A 197 11.52 4.77 -46.29
C PRO A 197 10.04 5.17 -46.18
N GLY A 198 9.81 6.37 -45.67
CA GLY A 198 8.46 6.90 -45.56
C GLY A 198 7.55 6.30 -44.51
N GLU A 199 7.81 5.07 -44.11
CA GLU A 199 6.97 4.39 -43.14
C GLU A 199 6.52 5.25 -41.96
N VAL A 200 7.45 6.04 -41.45
CA VAL A 200 7.24 6.83 -40.24
C VAL A 200 6.78 8.28 -40.30
N ILE A 201 6.89 8.93 -41.44
CA ILE A 201 6.53 10.33 -41.54
C ILE A 201 5.09 10.78 -41.44
N ALA A 202 4.12 9.87 -41.57
CA ALA A 202 2.72 10.27 -41.52
C ALA A 202 2.31 10.82 -40.17
N PRO A 203 1.37 11.77 -40.15
CA PRO A 203 0.91 12.38 -38.90
C PRO A 203 0.16 11.32 -38.10
N GLY A 204 0.48 11.22 -36.82
CA GLY A 204 -0.17 10.25 -35.96
C GLY A 204 0.43 8.86 -36.05
N MET A 205 1.31 8.65 -37.01
CA MET A 205 1.93 7.34 -37.21
C MET A 205 2.42 6.71 -35.92
N ARG A 206 2.15 5.42 -35.79
CA ARG A 206 2.53 4.63 -34.64
C ARG A 206 3.12 3.32 -35.14
N LYS A 207 4.28 2.93 -34.65
CA LYS A 207 4.84 1.65 -35.10
C LYS A 207 4.52 0.70 -33.97
N VAL A 208 4.16 -0.53 -34.32
CA VAL A 208 3.79 -1.52 -33.33
C VAL A 208 4.71 -2.74 -33.39
N ILE A 209 5.38 -3.04 -32.29
CA ILE A 209 6.28 -4.18 -32.28
C ILE A 209 5.78 -5.24 -31.32
N GLU A 210 5.42 -6.38 -31.90
CA GLU A 210 4.89 -7.56 -31.22
C GLU A 210 4.87 -7.61 -29.69
N GLY A 211 5.53 -8.61 -29.12
CA GLY A 211 5.52 -8.75 -27.68
C GLY A 211 6.66 -8.07 -26.96
N LYS A 212 6.82 -6.77 -27.21
CA LYS A 212 7.90 -6.02 -26.59
C LYS A 212 7.41 -5.01 -25.55
N GLY A 213 6.24 -5.22 -24.98
CA GLY A 213 5.76 -4.24 -24.01
C GLY A 213 5.06 -4.62 -22.71
N MET A 214 5.77 -5.19 -21.74
CA MET A 214 5.16 -5.53 -20.46
C MET A 214 4.45 -6.89 -20.35
N PRO A 215 4.68 -7.59 -19.21
CA PRO A 215 4.12 -8.90 -18.85
C PRO A 215 2.63 -8.80 -18.60
N ILE A 216 1.90 -9.86 -18.89
CA ILE A 216 0.46 -9.82 -18.67
C ILE A 216 0.04 -10.61 -17.42
N PRO A 217 -0.53 -9.91 -16.43
CA PRO A 217 -1.00 -10.49 -15.17
C PRO A 217 -1.62 -11.89 -15.27
N LYS A 218 -2.83 -11.97 -15.78
CA LYS A 218 -3.50 -13.27 -15.92
C LYS A 218 -3.24 -13.92 -17.27
N TYR A 219 -2.26 -14.82 -17.27
CA TYR A 219 -1.83 -15.58 -18.44
C TYR A 219 -0.31 -15.50 -18.53
N GLY A 220 0.17 -14.52 -19.29
CA GLY A 220 1.59 -14.35 -19.46
C GLY A 220 1.87 -13.63 -20.76
N GLY A 221 2.96 -13.98 -21.41
CA GLY A 221 3.30 -13.31 -22.65
C GLY A 221 3.53 -11.85 -22.34
N TYR A 222 3.26 -10.98 -23.29
CA TYR A 222 3.47 -9.56 -23.07
C TYR A 222 2.62 -8.73 -24.02
N GLY A 223 2.51 -7.44 -23.71
CA GLY A 223 1.77 -6.54 -24.57
C GLY A 223 2.74 -6.05 -25.63
N ASN A 224 2.36 -5.01 -26.36
CA ASN A 224 3.21 -4.50 -27.41
C ASN A 224 4.06 -3.31 -26.96
N LEU A 225 4.93 -2.89 -27.88
CA LEU A 225 5.79 -1.72 -27.69
C LEU A 225 5.34 -0.80 -28.81
N ILE A 226 4.56 0.22 -28.46
CA ILE A 226 4.06 1.16 -29.45
C ILE A 226 5.04 2.29 -29.58
N ILE A 227 5.54 2.52 -30.79
CA ILE A 227 6.50 3.60 -31.00
C ILE A 227 5.91 4.83 -31.69
N LYS A 228 6.35 6.00 -31.23
CA LYS A 228 5.92 7.31 -31.77
C LYS A 228 7.17 8.02 -32.31
N PHE A 229 6.99 8.84 -33.34
CA PHE A 229 8.15 9.51 -33.92
C PHE A 229 8.14 11.02 -33.96
N THR A 230 9.29 11.59 -33.57
CA THR A 230 9.49 13.02 -33.57
C THR A 230 10.63 13.17 -34.56
N ILE A 231 10.36 13.85 -35.67
CA ILE A 231 11.36 14.02 -36.72
C ILE A 231 11.99 15.41 -36.77
N LYS A 232 13.31 15.43 -36.70
CA LYS A 232 14.05 16.69 -36.73
C LYS A 232 15.04 16.75 -37.86
N ASP A 233 15.37 17.97 -38.28
CA ASP A 233 16.32 18.20 -39.36
C ASP A 233 17.02 19.50 -39.01
N PRO A 234 18.34 19.45 -38.83
CA PRO A 234 19.12 20.64 -38.49
C PRO A 234 19.05 21.76 -39.52
N GLU A 235 19.69 22.88 -39.19
CA GLU A 235 19.78 24.06 -40.02
C GLU A 235 18.54 24.34 -40.86
N GLY B 1 -0.59 2.12 12.98
CA GLY B 1 0.34 1.26 12.28
C GLY B 1 1.05 1.93 11.12
N TRP B 2 2.35 1.70 10.99
CA TRP B 2 3.14 2.28 9.90
C TRP B 2 4.25 1.33 9.46
N LEU B 3 4.76 1.53 8.23
CA LEU B 3 5.79 0.64 7.72
C LEU B 3 6.96 1.30 7.02
N TYR B 4 7.98 0.50 6.75
CA TYR B 4 9.16 0.92 6.02
C TYR B 4 9.83 -0.33 5.44
N GLU B 5 10.57 -0.16 4.35
CA GLU B 5 11.25 -1.28 3.69
C GLU B 5 12.57 -1.67 4.33
N ILE B 6 12.83 -2.96 4.40
CA ILE B 6 14.08 -3.43 4.99
C ILE B 6 15.22 -3.48 3.98
N SER B 7 16.33 -2.87 4.35
CA SER B 7 17.52 -2.83 3.51
C SER B 7 17.44 -1.74 2.45
ZN ZN C . -0.90 -6.94 29.61
ZN ZN D . -16.76 2.50 36.03
#